data_6P3T
#
_entry.id   6P3T
#
_cell.length_a   175.636
_cell.length_b   175.636
_cell.length_c   122.749
_cell.angle_alpha   90.00
_cell.angle_beta   90.00
_cell.angle_gamma   120.00
#
_symmetry.space_group_name_H-M   'H 3 2'
#
loop_
_entity.id
_entity.type
_entity.pdbx_description
1 polymer 'N-acetyltransferase Eis'
2 non-polymer N-methyl-N-(naphthalen-2-yl)-2,3-dioxo-1,2,3,4-tetrahydroquinoxaline-6-sulfonamide
3 non-polymer GLYCEROL
4 non-polymer DI(HYDROXYETHYL)ETHER
5 non-polymer 'SULFATE ION'
6 non-polymer 'DIMETHYL SULFOXIDE'
7 non-polymer 'AMMONIUM ION'
8 water water
#
_entity_poly.entity_id   1
_entity_poly.type   'polypeptide(L)'
_entity_poly.pdbx_seq_one_letter_code
;MGSSHHHHHHSSGLVPRGSHMTVTLCSPTEDDWPGMFLLAAASFTDFIGPESATAWRTLVPTDGAVVVRDGAGPGSEVVG
MALYMDLRLTVPGEVVLPTAGLSFVAVAPTHRRRGLLRAMCAELHRRIADSGYPVAALHASEGGIYGRFGYGPATTLHEL
TVDRRFARFHADAPGGGLGGSSVRLVRPTEHRGEFEAIYERWRQQVPGGLLRPQVLWDELLAEAKAAPGGDRESFALLHP
DGYALYRVDRTDLKLARVSELRAVTADAHCALWRALIGLDSMERISIITHPQDPLPHLLTDTRLARTTWRQDGLWLRIMN
VPAALEARGYAHEVGEFSTVLEVSDGGRFALKIGDGRARCTPTDAAAEIEMDRDVLGSLYLGAHRASTLAAANRLRTKDS
QLLRRLDAAFASDVPVQTAFEF
;
_entity_poly.pdbx_strand_id   A
#
loop_
_chem_comp.id
_chem_comp.type
_chem_comp.name
_chem_comp.formula
DMS non-polymer 'DIMETHYL SULFOXIDE' 'C2 H6 O S'
GOL non-polymer GLYCEROL 'C3 H8 O3'
NH4 non-polymer 'AMMONIUM ION' 'H4 N 1'
NRS non-polymer N-methyl-N-(naphthalen-2-yl)-2,3-dioxo-1,2,3,4-tetrahydroquinoxaline-6-sulfonamide 'C19 H15 N3 O4 S'
PEG non-polymer DI(HYDROXYETHYL)ETHER 'C4 H10 O3'
SO4 non-polymer 'SULFATE ION' 'O4 S -2'
#
# COMPACT_ATOMS: atom_id res chain seq x y z
N VAL A 23 -1.96 -6.95 34.06
CA VAL A 23 -1.80 -6.67 32.60
C VAL A 23 -0.30 -6.66 32.26
N THR A 24 0.17 -7.78 31.70
CA THR A 24 1.59 -7.96 31.29
C THR A 24 1.65 -7.96 29.76
N LEU A 25 2.85 -7.76 29.20
CA LEU A 25 3.09 -7.71 27.75
C LEU A 25 4.16 -8.74 27.38
N CYS A 26 3.77 -9.79 26.63
CA CYS A 26 4.65 -10.92 26.28
C CYS A 26 4.53 -11.29 24.80
N SER A 27 5.55 -11.99 24.31
CA SER A 27 5.44 -12.75 23.06
C SER A 27 4.48 -13.91 23.29
N PRO A 28 3.52 -14.15 22.38
CA PRO A 28 2.56 -15.26 22.58
C PRO A 28 3.21 -16.64 22.41
N THR A 29 2.73 -17.60 23.21
CA THR A 29 3.03 -19.01 23.08
C THR A 29 1.94 -19.63 22.19
N GLU A 30 2.11 -20.89 21.81
CA GLU A 30 1.17 -21.61 20.95
C GLU A 30 -0.25 -21.57 21.55
N ASP A 31 -0.34 -21.61 22.88
CA ASP A 31 -1.61 -21.66 23.62
C ASP A 31 -2.36 -20.33 23.59
N ASP A 32 -1.66 -19.25 23.23
CA ASP A 32 -2.25 -17.92 23.20
C ASP A 32 -3.07 -17.70 21.93
N TRP A 33 -2.80 -18.47 20.88
CA TRP A 33 -3.32 -18.16 19.55
C TRP A 33 -4.84 -18.36 19.49
N PRO A 34 -5.44 -19.41 20.09
CA PRO A 34 -6.91 -19.52 20.10
C PRO A 34 -7.61 -18.29 20.72
N GLY A 35 -6.99 -17.68 21.74
CA GLY A 35 -7.48 -16.44 22.36
C GLY A 35 -7.30 -15.23 21.45
N MET A 36 -6.23 -15.24 20.65
CA MET A 36 -5.96 -14.17 19.69
C MET A 36 -7.00 -14.24 18.56
N PHE A 37 -7.29 -15.46 18.09
CA PHE A 37 -8.30 -15.68 17.05
C PHE A 37 -9.68 -15.23 17.54
N LEU A 38 -10.00 -15.44 18.81
CA LEU A 38 -11.28 -14.97 19.36
C LEU A 38 -11.35 -13.45 19.28
N LEU A 39 -10.31 -12.77 19.79
CA LEU A 39 -10.25 -11.32 19.75
C LEU A 39 -10.32 -10.82 18.29
N ALA A 40 -9.69 -11.56 17.37
CA ALA A 40 -9.68 -11.22 15.93
C ALA A 40 -11.10 -11.25 15.38
N ALA A 41 -11.79 -12.37 15.63
CA ALA A 41 -13.16 -12.57 15.19
C ALA A 41 -14.05 -11.43 15.71
N ALA A 42 -13.85 -11.02 16.97
CA ALA A 42 -14.69 -10.01 17.60
C ALA A 42 -14.32 -8.60 17.11
N SER A 43 -13.11 -8.42 16.60
CA SER A 43 -12.58 -7.08 16.32
C SER A 43 -12.68 -6.73 14.83
N PHE A 44 -12.60 -7.76 13.96
CA PHE A 44 -12.48 -7.59 12.51
C PHE A 44 -13.64 -8.31 11.79
N THR A 45 -14.49 -7.56 11.09
CA THR A 45 -15.67 -8.12 10.44
C THR A 45 -15.25 -8.92 9.19
N ASP A 46 -14.07 -8.63 8.65
CA ASP A 46 -13.53 -9.35 7.47
C ASP A 46 -12.49 -10.40 7.91
N PHE A 47 -12.56 -10.86 9.16
CA PHE A 47 -11.62 -11.82 9.68
C PHE A 47 -11.58 -13.05 8.77
N ILE A 48 -10.39 -13.41 8.30
CA ILE A 48 -10.19 -14.47 7.30
C ILE A 48 -10.41 -15.86 7.93
N GLY A 49 -10.41 -15.93 9.28
CA GLY A 49 -10.74 -17.17 9.98
C GLY A 49 -9.49 -17.94 10.41
N PRO A 50 -9.62 -18.94 11.31
CA PRO A 50 -8.46 -19.59 11.92
C PRO A 50 -7.48 -20.30 10.96
N GLU A 51 -7.99 -20.95 9.91
CA GLU A 51 -7.10 -21.73 9.04
C GLU A 51 -6.27 -20.80 8.14
N SER A 52 -6.94 -19.80 7.56
CA SER A 52 -6.26 -18.75 6.79
C SER A 52 -5.28 -17.98 7.69
N ALA A 53 -5.72 -17.68 8.92
CA ALA A 53 -4.91 -16.93 9.87
C ALA A 53 -3.64 -17.73 10.23
N THR A 54 -3.79 -19.05 10.36
CA THR A 54 -2.69 -19.96 10.70
C THR A 54 -1.65 -19.98 9.57
N ALA A 55 -2.10 -19.76 8.33
CA ALA A 55 -1.21 -19.68 7.19
C ALA A 55 -0.40 -18.38 7.23
N TRP A 56 -1.08 -17.24 7.39
CA TRP A 56 -0.46 -15.90 7.45
C TRP A 56 0.61 -15.82 8.55
N ARG A 57 0.46 -16.63 9.61
CA ARG A 57 1.43 -16.71 10.71
C ARG A 57 2.85 -16.96 10.20
N THR A 58 2.97 -17.67 9.08
CA THR A 58 4.27 -18.04 8.50
C THR A 58 5.05 -16.78 8.05
N LEU A 59 4.36 -15.64 7.93
CA LEU A 59 4.98 -14.37 7.51
C LEU A 59 5.44 -13.56 8.72
N VAL A 60 5.15 -14.05 9.93
CA VAL A 60 5.53 -13.36 11.16
C VAL A 60 6.83 -13.96 11.66
N PRO A 61 7.89 -13.16 11.83
CA PRO A 61 9.16 -13.67 12.35
C PRO A 61 9.01 -14.04 13.84
N THR A 62 9.86 -14.94 14.32
CA THR A 62 10.01 -15.21 15.75
C THR A 62 10.10 -13.89 16.51
N ASP A 63 9.30 -13.73 17.56
CA ASP A 63 9.30 -12.51 18.39
C ASP A 63 8.78 -11.31 17.57
N GLY A 64 7.95 -11.58 16.56
CA GLY A 64 7.29 -10.55 15.78
C GLY A 64 5.91 -10.20 16.30
N ALA A 65 5.47 -10.87 17.38
CA ALA A 65 4.14 -10.70 17.94
C ALA A 65 4.21 -10.35 19.43
N VAL A 66 3.28 -9.50 19.88
CA VAL A 66 3.02 -9.23 21.30
C VAL A 66 1.54 -9.49 21.60
N VAL A 67 1.28 -9.92 22.85
CA VAL A 67 -0.07 -10.06 23.39
C VAL A 67 -0.08 -9.44 24.78
N VAL A 68 -1.28 -9.06 25.22
CA VAL A 68 -1.52 -8.60 26.56
C VAL A 68 -2.56 -9.54 27.17
N ARG A 69 -2.22 -10.15 28.31
CA ARG A 69 -3.12 -11.02 29.06
C ARG A 69 -3.64 -10.24 30.27
N ASP A 70 -4.83 -10.62 30.76
CA ASP A 70 -5.37 -10.10 32.01
C ASP A 70 -5.13 -11.13 33.13
N GLY A 71 -4.43 -10.69 34.18
CA GLY A 71 -4.08 -11.54 35.33
C GLY A 71 -5.29 -11.85 36.19
N SER A 76 -6.04 -16.60 32.29
CA SER A 76 -5.72 -15.33 31.66
C SER A 76 -6.07 -15.38 30.15
N GLU A 77 -7.07 -14.57 29.75
CA GLU A 77 -7.49 -14.43 28.34
C GLU A 77 -6.78 -13.20 27.72
N VAL A 78 -6.74 -13.18 26.39
CA VAL A 78 -6.00 -12.18 25.61
C VAL A 78 -6.89 -10.95 25.42
N VAL A 79 -6.38 -9.78 25.82
CA VAL A 79 -7.13 -8.52 25.77
C VAL A 79 -6.46 -7.51 24.82
N GLY A 80 -5.31 -7.91 24.26
CA GLY A 80 -4.54 -7.07 23.35
C GLY A 80 -3.57 -7.90 22.52
N MET A 81 -3.36 -7.50 21.27
CA MET A 81 -2.39 -8.18 20.43
C MET A 81 -1.93 -7.24 19.32
N ALA A 82 -0.72 -7.52 18.81
CA ALA A 82 -0.16 -6.83 17.68
C ALA A 82 1.03 -7.64 17.17
N LEU A 83 1.28 -7.58 15.86
CA LEU A 83 2.44 -8.23 15.29
C LEU A 83 2.88 -7.47 14.04
N TYR A 84 4.06 -7.84 13.52
CA TYR A 84 4.51 -7.37 12.23
C TYR A 84 4.91 -8.58 11.38
N MET A 85 4.81 -8.39 10.06
CA MET A 85 5.25 -9.37 9.08
C MET A 85 6.48 -8.83 8.37
N ASP A 86 7.32 -9.76 7.88
CA ASP A 86 8.48 -9.45 7.07
C ASP A 86 8.02 -9.20 5.63
N LEU A 87 8.14 -7.94 5.17
CA LEU A 87 7.73 -7.56 3.82
C LEU A 87 8.92 -6.95 3.08
N ARG A 88 8.78 -6.83 1.75
CA ARG A 88 9.75 -6.18 0.88
C ARG A 88 9.02 -5.10 0.08
N LEU A 89 9.29 -3.84 0.43
CA LEU A 89 8.64 -2.69 -0.16
C LEU A 89 9.56 -2.07 -1.22
N THR A 90 9.02 -1.91 -2.43
CA THR A 90 9.69 -1.18 -3.48
C THR A 90 9.48 0.31 -3.23
N VAL A 91 10.56 1.09 -3.38
CA VAL A 91 10.53 2.53 -3.21
C VAL A 91 11.13 3.17 -4.45
N PRO A 92 10.97 4.50 -4.67
CA PRO A 92 11.44 5.14 -5.90
C PRO A 92 12.92 4.82 -6.19
N GLY A 93 13.23 4.60 -7.47
CA GLY A 93 14.52 4.11 -7.93
C GLY A 93 14.58 2.59 -7.97
N GLU A 94 13.41 1.95 -7.89
CA GLU A 94 13.26 0.48 -8.00
C GLU A 94 14.13 -0.22 -6.94
N VAL A 95 14.26 0.41 -5.77
CA VAL A 95 15.00 -0.13 -4.63
C VAL A 95 14.01 -0.81 -3.70
N VAL A 96 14.38 -1.98 -3.18
CA VAL A 96 13.52 -2.85 -2.37
C VAL A 96 14.02 -2.84 -0.92
N LEU A 97 13.20 -2.34 0.00
CA LEU A 97 13.54 -2.24 1.43
C LEU A 97 12.88 -3.36 2.23
N PRO A 98 13.61 -4.02 3.15
CA PRO A 98 12.97 -4.83 4.18
C PRO A 98 12.03 -3.91 4.96
N THR A 99 10.80 -4.38 5.23
CA THR A 99 9.77 -3.55 5.81
C THR A 99 8.99 -4.37 6.83
N ALA A 100 8.85 -3.81 8.04
CA ALA A 100 8.00 -4.39 9.06
C ALA A 100 6.55 -3.91 8.83
N GLY A 101 5.68 -4.86 8.47
CA GLY A 101 4.26 -4.58 8.22
C GLY A 101 3.40 -4.93 9.41
N LEU A 102 2.98 -3.89 10.14
CA LEU A 102 2.11 -4.01 11.31
C LEU A 102 0.73 -4.50 10.86
N SER A 103 0.15 -5.42 11.62
CA SER A 103 -1.19 -5.94 11.38
C SER A 103 -1.67 -6.73 12.60
N PHE A 104 -2.91 -7.23 12.50
CA PHE A 104 -3.51 -8.07 13.51
C PHE A 104 -3.48 -7.35 14.87
N VAL A 105 -3.71 -6.02 14.82
CA VAL A 105 -3.74 -5.14 15.97
C VAL A 105 -5.18 -5.05 16.51
N ALA A 106 -5.35 -5.30 17.80
CA ALA A 106 -6.65 -5.30 18.44
C ALA A 106 -6.50 -5.15 19.95
N VAL A 107 -7.39 -4.34 20.53
CA VAL A 107 -7.61 -4.22 21.95
C VAL A 107 -9.05 -4.63 22.21
N ALA A 108 -9.24 -5.52 23.20
CA ALA A 108 -10.57 -5.99 23.57
C ALA A 108 -11.44 -4.80 23.98
N PRO A 109 -12.77 -4.84 23.70
CA PRO A 109 -13.66 -3.72 24.00
C PRO A 109 -13.82 -3.51 25.51
N THR A 110 -13.38 -4.50 26.28
CA THR A 110 -13.40 -4.50 27.74
C THR A 110 -12.21 -3.73 28.33
N HIS A 111 -11.20 -3.40 27.50
CA HIS A 111 -9.91 -2.85 27.98
C HIS A 111 -9.49 -1.61 27.18
N ARG A 112 -10.46 -0.82 26.70
CA ARG A 112 -10.17 0.45 26.04
C ARG A 112 -9.59 1.43 27.07
N ARG A 113 -8.85 2.43 26.56
CA ARG A 113 -8.38 3.59 27.33
C ARG A 113 -7.48 3.15 28.50
N ARG A 114 -6.73 2.07 28.31
CA ARG A 114 -5.77 1.57 29.29
C ARG A 114 -4.34 1.68 28.73
N GLY A 115 -4.20 2.39 27.60
CA GLY A 115 -2.94 2.59 26.90
C GLY A 115 -2.28 1.28 26.46
N LEU A 116 -3.09 0.27 26.11
CA LEU A 116 -2.58 -1.04 25.68
C LEU A 116 -1.95 -0.97 24.28
N LEU A 117 -2.54 -0.13 23.41
CA LEU A 117 -2.04 0.07 22.07
C LEU A 117 -0.67 0.78 22.12
N ARG A 118 -0.59 1.86 22.89
CA ARG A 118 0.65 2.62 23.07
C ARG A 118 1.76 1.67 23.56
N ALA A 119 1.42 0.80 24.51
CA ALA A 119 2.37 -0.13 25.09
C ALA A 119 2.83 -1.16 24.04
N MET A 120 1.88 -1.70 23.27
CA MET A 120 2.18 -2.74 22.26
C MET A 120 2.99 -2.15 21.09
N CYS A 121 2.61 -0.95 20.64
CA CYS A 121 3.28 -0.30 19.51
C CYS A 121 4.73 0.03 19.88
N ALA A 122 4.92 0.54 21.09
CA ALA A 122 6.24 0.87 21.62
C ALA A 122 7.13 -0.37 21.64
N GLU A 123 6.61 -1.49 22.12
CA GLU A 123 7.40 -2.71 22.25
C GLU A 123 7.80 -3.22 20.85
N LEU A 124 6.86 -3.20 19.90
CA LEU A 124 7.12 -3.71 18.55
C LEU A 124 8.10 -2.79 17.82
N HIS A 125 7.96 -1.46 17.99
CA HIS A 125 8.87 -0.50 17.36
C HIS A 125 10.31 -0.69 17.88
N ARG A 126 10.46 -1.01 19.17
CA ARG A 126 11.74 -1.36 19.78
C ARG A 126 12.35 -2.55 19.04
N ARG A 127 11.57 -3.62 18.90
CA ARG A 127 11.99 -4.87 18.26
C ARG A 127 12.27 -4.68 16.76
N ILE A 128 11.45 -3.88 16.09
CA ILE A 128 11.59 -3.64 14.66
C ILE A 128 12.90 -2.87 14.40
N ALA A 129 13.12 -1.80 15.17
CA ALA A 129 14.32 -0.97 15.09
C ALA A 129 15.58 -1.81 15.36
N ASP A 130 15.56 -2.58 16.44
CA ASP A 130 16.72 -3.40 16.87
C ASP A 130 17.01 -4.52 15.87
N SER A 131 15.99 -4.95 15.12
CA SER A 131 16.12 -6.00 14.11
C SER A 131 16.74 -5.44 12.82
N GLY A 132 16.73 -4.11 12.66
CA GLY A 132 17.38 -3.44 11.52
C GLY A 132 16.44 -3.15 10.36
N TYR A 133 15.13 -3.02 10.60
CA TYR A 133 14.21 -2.57 9.54
C TYR A 133 14.35 -1.05 9.40
N PRO A 134 14.57 -0.52 8.18
CA PRO A 134 14.60 0.93 7.98
C PRO A 134 13.21 1.59 8.06
N VAL A 135 12.17 0.85 7.65
CA VAL A 135 10.79 1.37 7.65
C VAL A 135 9.84 0.31 8.19
N ALA A 136 8.72 0.79 8.73
CA ALA A 136 7.56 -0.02 9.05
C ALA A 136 6.36 0.54 8.27
N ALA A 137 5.34 -0.31 8.08
CA ALA A 137 4.17 0.03 7.29
C ALA A 137 2.91 -0.66 7.85
N LEU A 138 1.76 -0.02 7.61
CA LEU A 138 0.45 -0.60 7.94
C LEU A 138 -0.63 0.00 7.04
N HIS A 139 -1.79 -0.67 7.05
CA HIS A 139 -3.06 -0.12 6.59
C HIS A 139 -3.89 0.24 7.82
N ALA A 140 -4.46 1.46 7.84
CA ALA A 140 -5.14 2.01 9.01
C ALA A 140 -6.65 1.72 8.91
N SER A 141 -7.22 1.22 10.02
CA SER A 141 -8.68 1.03 10.15
C SER A 141 -9.39 2.39 10.26
N GLU A 142 -8.76 3.33 10.98
CA GLU A 142 -9.21 4.74 11.07
C GLU A 142 -8.02 5.66 10.83
N GLY A 143 -8.29 6.87 10.36
CA GLY A 143 -7.24 7.82 9.98
C GLY A 143 -6.67 8.61 11.14
N GLY A 144 -7.23 8.42 12.35
CA GLY A 144 -6.91 9.29 13.50
C GLY A 144 -5.95 8.67 14.49
N ILE A 145 -5.58 7.41 14.28
CA ILE A 145 -4.90 6.59 15.29
C ILE A 145 -3.38 6.70 15.15
N TYR A 146 -2.85 6.51 13.93
CA TYR A 146 -1.46 6.04 13.76
C TYR A 146 -0.46 7.19 13.54
N GLY A 147 -0.97 8.41 13.28
CA GLY A 147 -0.14 9.61 13.20
C GLY A 147 0.71 9.82 14.45
N ARG A 148 0.14 9.55 15.63
CA ARG A 148 0.83 9.85 16.89
C ARG A 148 1.97 8.84 17.13
N PHE A 149 1.95 7.69 16.44
CA PHE A 149 3.00 6.69 16.55
C PHE A 149 4.03 6.82 15.42
N GLY A 150 4.00 7.93 14.68
CA GLY A 150 5.01 8.27 13.66
C GLY A 150 4.68 7.77 12.25
N TYR A 151 3.50 7.20 12.04
CA TYR A 151 3.08 6.74 10.70
C TYR A 151 2.36 7.86 9.94
N GLY A 152 2.76 8.05 8.68
CA GLY A 152 2.11 8.97 7.76
C GLY A 152 1.55 8.22 6.55
N PRO A 153 0.38 8.64 6.02
CA PRO A 153 -0.19 8.00 4.83
C PRO A 153 0.67 8.30 3.59
N ALA A 154 1.08 7.25 2.87
CA ALA A 154 2.14 7.35 1.86
C ALA A 154 1.67 6.95 0.45
N THR A 155 0.49 6.33 0.32
CA THR A 155 -0.13 6.07 -0.98
C THR A 155 -1.61 6.43 -0.91
N THR A 156 -2.22 6.71 -2.06
CA THR A 156 -3.63 7.10 -2.13
C THR A 156 -4.40 6.12 -3.02
N LEU A 157 -5.51 5.61 -2.47
CA LEU A 157 -6.47 4.78 -3.19
C LEU A 157 -7.51 5.67 -3.86
N HIS A 158 -7.82 5.34 -5.11
CA HIS A 158 -8.76 6.02 -5.96
C HIS A 158 -9.73 4.97 -6.51
N GLU A 159 -11.02 5.07 -6.18
CA GLU A 159 -12.02 4.25 -6.84
C GLU A 159 -12.52 5.01 -8.09
N LEU A 160 -12.41 4.34 -9.24
CA LEU A 160 -13.02 4.76 -10.47
C LEU A 160 -14.20 3.83 -10.77
N THR A 161 -15.35 4.44 -11.06
CA THR A 161 -16.51 3.75 -11.59
C THR A 161 -16.77 4.27 -13.00
N VAL A 162 -16.72 3.37 -13.99
CA VAL A 162 -16.94 3.68 -15.40
C VAL A 162 -18.37 3.27 -15.78
N ASP A 163 -19.17 4.20 -16.33
CA ASP A 163 -20.42 3.82 -17.01
C ASP A 163 -20.05 3.35 -18.42
N ARG A 164 -19.90 2.03 -18.57
CA ARG A 164 -19.27 1.43 -19.73
C ARG A 164 -20.18 1.47 -20.95
N ARG A 165 -21.46 1.83 -20.78
CA ARG A 165 -22.42 1.87 -21.89
C ARG A 165 -22.15 3.07 -22.81
N PHE A 166 -21.45 4.10 -22.32
CA PHE A 166 -21.12 5.26 -23.13
C PHE A 166 -19.64 5.28 -23.53
N ALA A 167 -18.84 4.39 -22.93
CA ALA A 167 -17.39 4.41 -23.07
C ALA A 167 -17.00 4.05 -24.51
N ARG A 168 -16.37 5.03 -25.18
CA ARG A 168 -15.71 4.86 -26.47
C ARG A 168 -14.23 5.21 -26.31
N PHE A 169 -13.34 4.32 -26.78
CA PHE A 169 -11.90 4.57 -26.75
C PHE A 169 -11.53 5.68 -27.74
N HIS A 170 -10.45 6.40 -27.40
CA HIS A 170 -9.92 7.48 -28.19
C HIS A 170 -9.25 6.89 -29.44
N ALA A 171 -9.22 7.68 -30.51
CA ALA A 171 -8.49 7.34 -31.73
C ALA A 171 -7.04 6.94 -31.41
N ASP A 172 -6.46 7.61 -30.40
CA ASP A 172 -5.04 7.50 -30.04
C ASP A 172 -4.75 6.26 -29.18
N ALA A 173 -5.79 5.66 -28.59
CA ALA A 173 -5.63 4.56 -27.63
C ALA A 173 -5.05 3.32 -28.30
N PRO A 174 -4.05 2.64 -27.69
CA PRO A 174 -3.48 1.42 -28.25
C PRO A 174 -4.48 0.26 -28.41
N GLY A 175 -4.19 -0.63 -29.36
CA GLY A 175 -4.86 -1.93 -29.51
C GLY A 175 -6.28 -1.83 -30.08
N GLY A 176 -6.51 -0.81 -30.91
CA GLY A 176 -7.81 -0.59 -31.55
C GLY A 176 -7.77 -0.89 -33.04
N GLY A 177 -6.89 -1.82 -33.44
CA GLY A 177 -6.69 -2.21 -34.83
C GLY A 177 -7.43 -3.50 -35.16
N LEU A 178 -7.34 -3.92 -36.44
CA LEU A 178 -7.94 -5.16 -36.94
C LEU A 178 -7.22 -6.38 -36.35
N GLY A 179 -7.52 -7.57 -36.88
CA GLY A 179 -6.95 -8.82 -36.38
C GLY A 179 -7.61 -9.24 -35.07
N GLY A 180 -6.89 -10.06 -34.30
CA GLY A 180 -7.40 -10.67 -33.06
C GLY A 180 -7.02 -9.88 -31.82
N SER A 181 -7.62 -10.26 -30.68
CA SER A 181 -7.29 -9.71 -29.36
C SER A 181 -6.24 -10.61 -28.70
N SER A 182 -5.32 -9.97 -27.96
CA SER A 182 -4.26 -10.67 -27.26
C SER A 182 -4.70 -11.01 -25.82
N VAL A 183 -5.89 -10.53 -25.42
CA VAL A 183 -6.47 -10.80 -24.09
C VAL A 183 -7.37 -12.03 -24.17
N ARG A 184 -7.26 -12.90 -23.17
CA ARG A 184 -8.09 -14.11 -23.04
C ARG A 184 -8.92 -14.03 -21.75
N LEU A 185 -10.16 -14.52 -21.81
CA LEU A 185 -10.97 -14.76 -20.62
C LEU A 185 -10.61 -16.15 -20.06
N VAL A 186 -10.22 -16.24 -18.78
CA VAL A 186 -9.78 -17.51 -18.20
C VAL A 186 -10.30 -17.70 -16.76
N ARG A 187 -10.20 -18.93 -16.29
CA ARG A 187 -10.41 -19.29 -14.89
C ARG A 187 -9.15 -18.88 -14.13
N PRO A 188 -9.27 -18.05 -13.07
CA PRO A 188 -8.11 -17.69 -12.25
C PRO A 188 -7.22 -18.88 -11.83
N THR A 189 -7.83 -19.96 -11.32
CA THR A 189 -7.05 -21.06 -10.68
C THR A 189 -6.13 -21.78 -11.69
N GLU A 190 -6.39 -21.62 -13.00
CA GLU A 190 -5.67 -22.36 -14.04
C GLU A 190 -4.52 -21.55 -14.64
N HIS A 191 -4.27 -20.34 -14.12
CA HIS A 191 -3.23 -19.44 -14.65
C HIS A 191 -2.53 -18.69 -13.50
N ARG A 192 -2.37 -19.36 -12.36
CA ARG A 192 -1.69 -18.82 -11.17
C ARG A 192 -0.27 -18.38 -11.53
N GLY A 193 0.46 -19.27 -12.19
CA GLY A 193 1.84 -19.05 -12.60
C GLY A 193 2.00 -17.77 -13.41
N GLU A 194 1.07 -17.52 -14.33
CA GLU A 194 1.16 -16.36 -15.21
C GLU A 194 0.85 -15.07 -14.42
N PHE A 195 -0.07 -15.15 -13.45
CA PHE A 195 -0.40 -14.01 -12.61
C PHE A 195 0.78 -13.69 -11.69
N GLU A 196 1.34 -14.74 -11.08
CA GLU A 196 2.52 -14.62 -10.19
C GLU A 196 3.65 -13.90 -10.92
N ALA A 197 3.96 -14.36 -12.14
CA ALA A 197 5.03 -13.82 -12.95
C ALA A 197 4.77 -12.35 -13.31
N ILE A 198 3.55 -12.02 -13.75
CA ILE A 198 3.22 -10.64 -14.12
C ILE A 198 3.37 -9.74 -12.89
N TYR A 199 2.79 -10.17 -11.76
CA TYR A 199 2.79 -9.39 -10.51
C TYR A 199 4.23 -9.15 -10.04
N GLU A 200 5.06 -10.20 -10.11
CA GLU A 200 6.47 -10.13 -9.69
C GLU A 200 7.19 -9.04 -10.49
N ARG A 201 6.98 -8.99 -11.80
CA ARG A 201 7.52 -7.93 -12.66
C ARG A 201 6.96 -6.56 -12.21
N TRP A 202 5.65 -6.50 -11.94
CA TRP A 202 4.95 -5.25 -11.60
C TRP A 202 5.56 -4.66 -10.32
N ARG A 203 5.67 -5.49 -9.28
CA ARG A 203 5.97 -5.00 -7.92
C ARG A 203 7.41 -4.49 -7.84
N GLN A 204 8.29 -5.06 -8.67
CA GLN A 204 9.69 -4.67 -8.69
C GLN A 204 9.91 -3.32 -9.37
N GLN A 205 8.92 -2.81 -10.12
CA GLN A 205 9.18 -1.59 -10.88
C GLN A 205 8.28 -0.44 -10.42
N VAL A 206 7.44 -0.66 -9.39
CA VAL A 206 6.47 0.34 -8.96
C VAL A 206 6.69 0.67 -7.48
N PRO A 207 6.86 1.95 -7.12
CA PRO A 207 6.81 2.38 -5.72
C PRO A 207 5.48 1.99 -5.04
N GLY A 208 5.59 1.29 -3.91
CA GLY A 208 4.46 0.74 -3.20
C GLY A 208 4.34 -0.76 -3.42
N GLY A 209 5.07 -1.28 -4.40
CA GLY A 209 5.07 -2.72 -4.68
C GLY A 209 5.52 -3.51 -3.47
N LEU A 210 4.85 -4.63 -3.22
CA LEU A 210 5.21 -5.60 -2.20
C LEU A 210 5.35 -6.98 -2.85
N LEU A 211 6.42 -7.69 -2.49
CA LEU A 211 6.50 -9.11 -2.74
C LEU A 211 5.24 -9.75 -2.14
N ARG A 212 4.51 -10.51 -2.96
CA ARG A 212 3.39 -11.32 -2.50
C ARG A 212 3.85 -12.75 -2.30
N PRO A 213 4.04 -13.23 -1.04
CA PRO A 213 4.45 -14.62 -0.79
C PRO A 213 3.38 -15.67 -1.18
N GLN A 214 3.79 -16.94 -1.20
CA GLN A 214 2.95 -18.04 -1.68
C GLN A 214 1.61 -18.10 -0.93
N VAL A 215 1.63 -17.87 0.39
CA VAL A 215 0.43 -18.08 1.20
C VAL A 215 -0.64 -17.02 0.84
N LEU A 216 -0.22 -15.88 0.30
CA LEU A 216 -1.14 -14.80 -0.08
C LEU A 216 -1.77 -15.09 -1.46
N TRP A 217 -1.01 -15.72 -2.36
CA TRP A 217 -1.55 -16.24 -3.62
C TRP A 217 -2.59 -17.33 -3.36
N ASP A 218 -2.31 -18.24 -2.42
CA ASP A 218 -3.27 -19.28 -2.02
C ASP A 218 -4.59 -18.63 -1.60
N GLU A 219 -4.50 -17.53 -0.84
CA GLU A 219 -5.66 -16.87 -0.28
C GLU A 219 -6.39 -16.07 -1.37
N LEU A 220 -5.64 -15.52 -2.34
CA LEU A 220 -6.22 -14.71 -3.40
C LEU A 220 -7.10 -15.58 -4.31
N LEU A 221 -6.62 -16.79 -4.63
CA LEU A 221 -7.33 -17.68 -5.56
C LEU A 221 -8.41 -18.48 -4.83
N ALA A 222 -8.34 -18.54 -3.50
CA ALA A 222 -9.42 -19.07 -2.67
C ALA A 222 -10.62 -18.11 -2.70
N GLU A 223 -10.34 -16.80 -2.60
CA GLU A 223 -11.34 -15.72 -2.63
C GLU A 223 -11.94 -15.54 -4.04
N ALA A 224 -11.31 -16.11 -5.07
CA ALA A 224 -11.79 -16.02 -6.46
C ALA A 224 -12.91 -17.05 -6.71
N LYS A 225 -13.08 -17.97 -5.76
CA LYS A 225 -14.09 -19.02 -5.79
C LYS A 225 -15.43 -18.46 -5.28
N ALA A 226 -16.54 -18.98 -5.80
CA ALA A 226 -17.88 -18.55 -5.40
C ALA A 226 -18.20 -19.05 -3.99
N ALA A 227 -18.86 -18.20 -3.20
CA ALA A 227 -19.19 -18.51 -1.82
C ALA A 227 -20.69 -18.70 -1.68
N PRO A 228 -21.18 -19.86 -1.14
CA PRO A 228 -22.61 -20.01 -0.86
C PRO A 228 -23.15 -18.86 0.00
N GLY A 229 -23.97 -18.01 -0.59
CA GLY A 229 -24.56 -16.84 0.07
C GLY A 229 -23.57 -15.71 0.26
N GLY A 230 -22.47 -15.73 -0.51
CA GLY A 230 -21.40 -14.74 -0.41
C GLY A 230 -21.06 -14.15 -1.76
N ASP A 231 -19.75 -14.00 -2.04
CA ASP A 231 -19.26 -13.43 -3.29
C ASP A 231 -19.49 -14.41 -4.44
N ARG A 232 -19.60 -13.86 -5.65
CA ARG A 232 -19.82 -14.63 -6.86
C ARG A 232 -18.46 -15.09 -7.40
N GLU A 233 -18.51 -15.97 -8.40
CA GLU A 233 -17.33 -16.51 -9.08
C GLU A 233 -16.55 -15.34 -9.71
N SER A 234 -15.21 -15.39 -9.58
CA SER A 234 -14.31 -14.43 -10.22
C SER A 234 -13.80 -14.99 -11.55
N PHE A 235 -13.54 -14.10 -12.50
CA PHE A 235 -12.96 -14.43 -13.79
C PHE A 235 -11.72 -13.57 -14.00
N ALA A 236 -10.89 -13.98 -14.97
CA ALA A 236 -9.65 -13.29 -15.24
C ALA A 236 -9.57 -12.92 -16.72
N LEU A 237 -8.99 -11.75 -16.97
CA LEU A 237 -8.57 -11.32 -18.27
C LEU A 237 -7.04 -11.31 -18.28
N LEU A 238 -6.44 -12.05 -19.21
CA LEU A 238 -5.02 -12.35 -19.19
C LEU A 238 -4.40 -11.90 -20.52
N HIS A 239 -3.40 -11.02 -20.40
CA HIS A 239 -2.55 -10.54 -21.47
C HIS A 239 -1.12 -11.00 -21.14
N PRO A 240 -0.21 -11.15 -22.12
CA PRO A 240 1.18 -11.50 -21.79
C PRO A 240 1.82 -10.62 -20.71
N ASP A 241 1.44 -9.33 -20.67
CA ASP A 241 2.08 -8.33 -19.83
C ASP A 241 1.08 -7.69 -18.85
N GLY A 242 -0.01 -8.41 -18.52
CA GLY A 242 -1.01 -7.88 -17.58
C GLY A 242 -2.15 -8.85 -17.31
N TYR A 243 -2.85 -8.67 -16.19
CA TYR A 243 -4.08 -9.40 -15.90
C TYR A 243 -5.05 -8.51 -15.12
N ALA A 244 -6.33 -8.93 -15.11
CA ALA A 244 -7.38 -8.35 -14.30
C ALA A 244 -8.23 -9.50 -13.72
N LEU A 245 -8.50 -9.44 -12.42
CA LEU A 245 -9.50 -10.30 -11.77
C LEU A 245 -10.74 -9.46 -11.46
N TYR A 246 -11.90 -9.98 -11.84
CA TYR A 246 -13.15 -9.26 -11.64
C TYR A 246 -14.23 -10.27 -11.25
N ARG A 247 -15.29 -9.75 -10.63
CA ARG A 247 -16.48 -10.50 -10.28
C ARG A 247 -17.67 -9.54 -10.34
N VAL A 248 -18.86 -10.06 -10.64
CA VAL A 248 -20.08 -9.29 -10.50
C VAL A 248 -20.37 -9.13 -9.00
N ASP A 249 -20.92 -7.97 -8.64
CA ASP A 249 -21.25 -7.63 -7.25
C ASP A 249 -22.37 -8.56 -6.77
N ARG A 250 -22.39 -8.84 -5.45
CA ARG A 250 -23.40 -9.71 -4.80
C ARG A 250 -24.82 -9.25 -5.11
N THR A 251 -25.10 -7.96 -4.92
CA THR A 251 -26.46 -7.41 -4.89
C THR A 251 -26.74 -6.59 -6.16
N ASP A 252 -25.78 -5.75 -6.57
CA ASP A 252 -25.88 -4.97 -7.80
C ASP A 252 -25.35 -5.82 -8.97
N LEU A 253 -26.26 -6.38 -9.74
CA LEU A 253 -25.91 -7.39 -10.76
C LEU A 253 -25.54 -6.73 -12.09
N LYS A 254 -25.55 -5.39 -12.13
CA LYS A 254 -25.10 -4.61 -13.30
C LYS A 254 -23.76 -3.94 -13.00
N LEU A 255 -23.13 -4.30 -11.88
CA LEU A 255 -21.83 -3.78 -11.48
C LEU A 255 -20.79 -4.91 -11.48
N ALA A 256 -19.70 -4.72 -12.25
CA ALA A 256 -18.52 -5.60 -12.17
C ALA A 256 -17.44 -4.93 -11.31
N ARG A 257 -16.91 -5.68 -10.35
CA ARG A 257 -15.89 -5.20 -9.44
C ARG A 257 -14.55 -5.82 -9.82
N VAL A 258 -13.62 -4.96 -10.27
CA VAL A 258 -12.26 -5.37 -10.56
C VAL A 258 -11.48 -5.41 -9.25
N SER A 259 -11.23 -6.62 -8.74
CA SER A 259 -10.55 -6.81 -7.47
C SER A 259 -9.07 -6.41 -7.60
N GLU A 260 -8.49 -6.64 -8.79
CA GLU A 260 -7.06 -6.46 -9.04
C GLU A 260 -6.78 -6.37 -10.54
N LEU A 261 -6.05 -5.31 -10.94
CA LEU A 261 -5.54 -5.16 -12.29
C LEU A 261 -4.07 -4.78 -12.20
N ARG A 262 -3.21 -5.59 -12.81
CA ARG A 262 -1.77 -5.38 -12.81
C ARG A 262 -1.27 -5.46 -14.25
N ALA A 263 -0.75 -4.34 -14.75
CA ALA A 263 -0.24 -4.23 -16.11
C ALA A 263 1.16 -3.62 -16.09
N VAL A 264 2.04 -4.24 -16.87
CA VAL A 264 3.45 -3.93 -16.92
C VAL A 264 3.74 -2.97 -18.09
N THR A 265 2.95 -3.05 -19.17
CA THR A 265 3.07 -2.13 -20.31
C THR A 265 1.76 -1.36 -20.47
N ALA A 266 1.82 -0.19 -21.13
CA ALA A 266 0.64 0.61 -21.41
C ALA A 266 -0.33 -0.17 -22.31
N ASP A 267 0.25 -0.93 -23.24
CA ASP A 267 -0.49 -1.77 -24.18
C ASP A 267 -1.38 -2.75 -23.42
N ALA A 268 -0.78 -3.48 -22.47
CA ALA A 268 -1.49 -4.46 -21.65
C ALA A 268 -2.65 -3.77 -20.91
N HIS A 269 -2.40 -2.58 -20.40
CA HIS A 269 -3.35 -1.82 -19.59
C HIS A 269 -4.55 -1.41 -20.47
N CYS A 270 -4.26 -0.93 -21.68
CA CYS A 270 -5.31 -0.55 -22.61
C CYS A 270 -6.10 -1.78 -23.08
N ALA A 271 -5.39 -2.87 -23.43
CA ALA A 271 -6.03 -4.10 -23.90
C ALA A 271 -7.00 -4.63 -22.85
N LEU A 272 -6.56 -4.64 -21.58
CA LEU A 272 -7.38 -5.16 -20.50
C LEU A 272 -8.65 -4.30 -20.34
N TRP A 273 -8.53 -2.99 -20.53
CA TRP A 273 -9.66 -2.08 -20.36
C TRP A 273 -10.64 -2.18 -21.54
N ARG A 274 -10.13 -2.45 -22.75
CA ARG A 274 -10.98 -2.76 -23.90
C ARG A 274 -11.83 -4.00 -23.59
N ALA A 275 -11.22 -5.03 -23.00
CA ALA A 275 -11.95 -6.24 -22.65
C ALA A 275 -13.02 -5.95 -21.58
N LEU A 276 -12.65 -5.18 -20.55
CA LEU A 276 -13.58 -4.86 -19.43
C LEU A 276 -14.76 -4.01 -19.91
N ILE A 277 -14.51 -3.04 -20.79
CA ILE A 277 -15.58 -2.23 -21.37
C ILE A 277 -16.45 -3.13 -22.28
N GLY A 278 -15.86 -4.22 -22.77
CA GLY A 278 -16.59 -5.24 -23.53
C GLY A 278 -17.51 -6.12 -22.68
N LEU A 279 -17.62 -5.88 -21.37
CA LEU A 279 -18.59 -6.62 -20.54
C LEU A 279 -19.99 -6.01 -20.73
N ASP A 280 -20.62 -6.37 -21.86
CA ASP A 280 -21.78 -5.66 -22.39
C ASP A 280 -23.02 -5.85 -21.49
N SER A 281 -23.04 -6.87 -20.63
CA SER A 281 -24.16 -7.10 -19.69
C SER A 281 -24.06 -6.22 -18.43
N MET A 282 -22.93 -5.53 -18.21
CA MET A 282 -22.77 -4.63 -17.05
C MET A 282 -23.08 -3.19 -17.46
N GLU A 283 -23.56 -2.41 -16.49
CA GLU A 283 -23.75 -0.98 -16.64
C GLU A 283 -22.48 -0.23 -16.21
N ARG A 284 -21.86 -0.70 -15.11
CA ARG A 284 -20.74 -0.03 -14.49
C ARG A 284 -19.63 -1.04 -14.16
N ILE A 285 -18.38 -0.59 -14.35
CA ILE A 285 -17.16 -1.27 -13.91
C ILE A 285 -16.51 -0.38 -12.85
N SER A 286 -16.23 -0.96 -11.67
CA SER A 286 -15.52 -0.24 -10.60
C SER A 286 -14.16 -0.88 -10.36
N ILE A 287 -13.18 -0.05 -9.99
CA ILE A 287 -11.85 -0.49 -9.61
C ILE A 287 -11.28 0.46 -8.57
N ILE A 288 -10.50 -0.10 -7.63
CA ILE A 288 -9.67 0.69 -6.73
C ILE A 288 -8.27 0.75 -7.34
N THR A 289 -7.88 1.96 -7.73
CA THR A 289 -6.65 2.21 -8.44
C THR A 289 -5.94 3.38 -7.75
N HIS A 290 -5.11 4.12 -8.51
CA HIS A 290 -4.28 5.21 -7.98
C HIS A 290 -4.61 6.50 -8.73
N PRO A 291 -4.30 7.69 -8.17
CA PRO A 291 -4.68 8.96 -8.81
C PRO A 291 -4.13 9.19 -10.23
N GLN A 292 -3.04 8.51 -10.60
CA GLN A 292 -2.41 8.74 -11.91
C GLN A 292 -2.79 7.62 -12.90
N ASP A 293 -3.79 6.78 -12.57
CA ASP A 293 -4.28 5.77 -13.51
C ASP A 293 -4.69 6.46 -14.81
N PRO A 294 -4.11 6.07 -15.97
CA PRO A 294 -4.41 6.75 -17.23
C PRO A 294 -5.77 6.44 -17.89
N LEU A 295 -6.57 5.55 -17.29
CA LEU A 295 -7.82 5.07 -17.89
C LEU A 295 -8.69 6.21 -18.39
N PRO A 296 -8.90 7.31 -17.64
CA PRO A 296 -9.76 8.40 -18.11
C PRO A 296 -9.34 8.93 -19.49
N HIS A 297 -8.02 8.93 -19.76
CA HIS A 297 -7.43 9.52 -20.97
C HIS A 297 -7.51 8.56 -22.16
N LEU A 298 -7.89 7.29 -21.92
CA LEU A 298 -8.12 6.30 -22.98
C LEU A 298 -9.49 6.51 -23.63
N LEU A 299 -10.37 7.30 -23.01
CA LEU A 299 -11.73 7.48 -23.47
C LEU A 299 -11.89 8.85 -24.13
N THR A 300 -12.89 8.95 -25.00
CA THR A 300 -13.25 10.21 -25.64
C THR A 300 -13.91 11.14 -24.62
N ASP A 301 -14.51 10.56 -23.58
CA ASP A 301 -15.12 11.30 -22.49
C ASP A 301 -14.44 10.89 -21.17
N THR A 302 -13.48 11.70 -20.73
CA THR A 302 -12.70 11.45 -19.52
C THR A 302 -13.65 11.31 -18.31
N ARG A 303 -14.76 12.06 -18.33
CA ARG A 303 -15.72 12.16 -17.24
C ARG A 303 -16.42 10.82 -16.96
N LEU A 304 -16.47 9.93 -17.96
CA LEU A 304 -17.10 8.60 -17.81
C LEU A 304 -16.41 7.77 -16.72
N ALA A 305 -15.12 8.01 -16.48
CA ALA A 305 -14.38 7.36 -15.39
C ALA A 305 -14.44 8.25 -14.15
N ARG A 306 -15.53 8.09 -13.38
CA ARG A 306 -15.84 8.91 -12.20
C ARG A 306 -15.01 8.43 -11.00
N THR A 307 -14.46 9.40 -10.26
CA THR A 307 -13.86 9.13 -8.96
C THR A 307 -14.97 9.12 -7.91
N THR A 308 -15.33 7.93 -7.45
CA THR A 308 -16.41 7.68 -6.51
C THR A 308 -15.93 7.71 -5.05
N TRP A 309 -14.62 7.52 -4.81
CA TRP A 309 -14.08 7.24 -3.46
C TRP A 309 -12.55 7.45 -3.44
N ARG A 310 -12.04 7.94 -2.32
CA ARG A 310 -10.62 8.25 -2.20
C ARG A 310 -10.20 8.17 -0.73
N GLN A 311 -9.09 7.50 -0.45
CA GLN A 311 -8.67 7.21 0.90
C GLN A 311 -7.17 6.88 0.94
N ASP A 312 -6.58 7.14 2.10
CA ASP A 312 -5.23 6.74 2.41
C ASP A 312 -5.10 5.23 2.18
N GLY A 313 -3.96 4.81 1.61
CA GLY A 313 -3.63 3.41 1.40
C GLY A 313 -2.63 2.91 2.42
N LEU A 314 -1.36 2.79 1.99
CA LEU A 314 -0.27 2.33 2.83
C LEU A 314 0.23 3.49 3.70
N TRP A 315 0.41 3.21 5.00
CA TRP A 315 1.04 4.14 5.95
C TRP A 315 2.47 3.68 6.24
N LEU A 316 3.38 4.65 6.36
CA LEU A 316 4.80 4.42 6.48
C LEU A 316 5.33 5.11 7.74
N ARG A 317 6.13 4.38 8.53
CA ARG A 317 6.92 4.96 9.60
C ARG A 317 8.40 4.73 9.28
N ILE A 318 9.13 5.84 9.10
CA ILE A 318 10.57 5.83 8.91
C ILE A 318 11.21 5.49 10.27
N MET A 319 11.84 4.31 10.37
CA MET A 319 12.43 3.83 11.61
C MET A 319 13.83 4.43 11.77
N ASN A 320 14.57 4.51 10.65
CA ASN A 320 15.94 5.02 10.58
C ASN A 320 16.01 6.06 9.45
N VAL A 321 16.03 7.35 9.82
CA VAL A 321 15.88 8.43 8.85
C VAL A 321 17.00 8.37 7.82
N PRO A 322 18.29 8.40 8.22
CA PRO A 322 19.38 8.39 7.25
C PRO A 322 19.42 7.16 6.34
N ALA A 323 19.10 5.98 6.87
CA ALA A 323 19.14 4.76 6.06
C ALA A 323 18.07 4.82 4.96
N ALA A 324 16.86 5.21 5.36
CA ALA A 324 15.73 5.33 4.44
C ALA A 324 16.03 6.40 3.38
N LEU A 325 16.41 7.60 3.80
CA LEU A 325 16.62 8.70 2.83
C LEU A 325 17.74 8.33 1.86
N GLU A 326 18.77 7.62 2.34
CA GLU A 326 19.90 7.27 1.48
C GLU A 326 19.54 6.13 0.52
N ALA A 327 18.57 5.30 0.89
CA ALA A 327 18.24 4.08 0.15
C ALA A 327 17.46 4.37 -1.14
N ARG A 328 16.54 5.35 -1.12
CA ARG A 328 15.71 5.63 -2.30
C ARG A 328 16.46 6.54 -3.28
N GLY A 329 16.02 6.52 -4.54
CA GLY A 329 16.46 7.42 -5.59
C GLY A 329 15.65 8.70 -5.60
N TYR A 330 16.22 9.75 -6.19
CA TYR A 330 15.61 11.06 -6.27
C TYR A 330 15.62 11.50 -7.74
N ALA A 331 14.78 12.48 -8.07
CA ALA A 331 14.67 12.98 -9.43
C ALA A 331 16.03 13.52 -9.87
N HIS A 332 16.48 13.12 -11.07
CA HIS A 332 17.72 13.60 -11.68
C HIS A 332 17.55 15.05 -12.17
N GLU A 333 16.31 15.53 -12.31
CA GLU A 333 16.04 16.81 -12.98
C GLU A 333 16.53 17.98 -12.11
N VAL A 334 16.16 17.98 -10.82
CA VAL A 334 16.62 18.98 -9.85
C VAL A 334 18.15 18.89 -9.72
N GLY A 335 18.79 20.06 -9.61
CA GLY A 335 20.23 20.15 -9.43
C GLY A 335 20.65 19.77 -8.03
N GLU A 336 21.96 19.66 -7.81
CA GLU A 336 22.50 19.34 -6.49
C GLU A 336 22.16 20.48 -5.52
N PHE A 337 21.74 20.10 -4.30
CA PHE A 337 21.47 21.06 -3.21
C PHE A 337 21.67 20.35 -1.86
N SER A 338 21.91 21.16 -0.83
CA SER A 338 22.19 20.72 0.55
C SER A 338 21.28 21.48 1.51
N THR A 339 20.92 20.82 2.61
CA THR A 339 20.11 21.44 3.63
C THR A 339 20.28 20.66 4.93
N VAL A 340 19.59 21.14 5.98
CA VAL A 340 19.56 20.48 7.27
C VAL A 340 18.10 20.18 7.61
N LEU A 341 17.81 18.89 7.80
CA LEU A 341 16.50 18.40 8.15
C LEU A 341 16.52 17.97 9.62
N GLU A 342 15.58 18.51 10.40
CA GLU A 342 15.28 18.02 11.74
C GLU A 342 13.95 17.27 11.72
N VAL A 343 13.99 15.99 12.14
CA VAL A 343 12.81 15.21 12.47
C VAL A 343 12.59 15.33 13.98
N SER A 344 11.38 15.74 14.37
CA SER A 344 11.00 15.91 15.78
C SER A 344 11.29 14.61 16.55
N ASP A 345 12.11 14.71 17.59
CA ASP A 345 12.45 13.56 18.44
C ASP A 345 12.91 12.38 17.55
N GLY A 346 13.69 12.71 16.51
CA GLY A 346 14.08 11.71 15.50
C GLY A 346 15.45 11.96 14.88
N GLY A 347 16.11 13.08 15.26
CA GLY A 347 17.46 13.42 14.83
C GLY A 347 17.49 14.67 13.94
N ARG A 348 18.70 15.19 13.73
CA ARG A 348 18.94 16.27 12.79
C ARG A 348 20.08 15.89 11.85
N PHE A 349 19.89 16.11 10.55
CA PHE A 349 20.80 15.57 9.53
C PHE A 349 21.11 16.63 8.47
N ALA A 350 22.38 16.63 8.05
CA ALA A 350 22.82 17.26 6.83
C ALA A 350 22.39 16.35 5.67
N LEU A 351 21.47 16.88 4.84
CA LEU A 351 20.94 16.17 3.71
C LEU A 351 21.49 16.85 2.44
N LYS A 352 22.20 16.06 1.63
CA LYS A 352 22.76 16.49 0.36
C LYS A 352 22.20 15.56 -0.73
N ILE A 353 21.55 16.15 -1.73
CA ILE A 353 20.88 15.41 -2.79
C ILE A 353 21.45 15.89 -4.13
N GLY A 354 21.85 14.93 -4.96
CA GLY A 354 22.29 15.19 -6.33
C GLY A 354 22.54 13.89 -7.08
N ASP A 355 22.39 13.92 -8.41
CA ASP A 355 22.54 12.76 -9.28
C ASP A 355 21.54 11.67 -8.84
N GLY A 356 20.37 12.13 -8.39
CA GLY A 356 19.30 11.27 -7.90
C GLY A 356 19.73 10.34 -6.77
N ARG A 357 20.77 10.70 -6.01
CA ARG A 357 21.17 10.00 -4.77
C ARG A 357 21.17 11.02 -3.63
N ALA A 358 21.08 10.53 -2.39
CA ALA A 358 21.12 11.38 -1.21
C ALA A 358 22.23 10.91 -0.25
N ARG A 359 22.85 11.89 0.41
CA ARG A 359 23.78 11.74 1.51
C ARG A 359 23.16 12.39 2.75
N CYS A 360 23.07 11.63 3.84
CA CYS A 360 22.35 12.04 5.06
C CYS A 360 23.20 11.71 6.29
N THR A 361 23.77 12.74 6.93
CA THR A 361 24.78 12.57 7.99
C THR A 361 24.45 13.40 9.23
N PRO A 362 24.83 12.96 10.44
CA PRO A 362 24.55 13.72 11.66
C PRO A 362 25.11 15.15 11.61
N THR A 363 24.44 16.10 12.24
CA THR A 363 24.88 17.47 12.33
C THR A 363 24.19 18.15 13.52
N ASP A 364 24.81 19.20 14.05
CA ASP A 364 24.21 20.05 15.07
C ASP A 364 23.98 21.46 14.49
N ALA A 365 24.28 21.63 13.19
CA ALA A 365 24.01 22.87 12.47
C ALA A 365 22.52 23.20 12.54
N ALA A 366 22.18 24.49 12.40
CA ALA A 366 20.79 24.95 12.55
C ALA A 366 19.90 24.29 11.49
N ALA A 367 18.70 23.88 11.90
CA ALA A 367 17.72 23.26 11.01
C ALA A 367 17.21 24.29 10.00
N GLU A 368 17.03 23.83 8.76
CA GLU A 368 16.42 24.58 7.67
C GLU A 368 15.00 24.06 7.38
N ILE A 369 14.75 22.79 7.70
CA ILE A 369 13.51 22.09 7.45
C ILE A 369 13.12 21.39 8.76
N GLU A 370 11.85 21.43 9.16
CA GLU A 370 11.39 20.77 10.38
C GLU A 370 10.09 20.03 10.08
N MET A 371 9.96 18.79 10.59
CA MET A 371 8.76 18.01 10.42
C MET A 371 8.74 16.85 11.42
N ASP A 372 7.54 16.43 11.82
CA ASP A 372 7.35 15.20 12.61
C ASP A 372 7.70 14.01 11.73
N ARG A 373 7.94 12.85 12.37
CA ARG A 373 8.34 11.64 11.68
C ARG A 373 7.27 11.21 10.66
N ASP A 374 5.99 11.39 10.99
CA ASP A 374 4.87 10.94 10.14
C ASP A 374 4.91 11.64 8.78
N VAL A 375 5.15 12.97 8.81
CA VAL A 375 5.22 13.78 7.61
C VAL A 375 6.26 13.17 6.65
N LEU A 376 7.39 12.74 7.20
CA LEU A 376 8.45 12.17 6.39
C LEU A 376 7.93 10.91 5.69
N GLY A 377 7.27 10.02 6.44
CA GLY A 377 6.61 8.85 5.88
C GLY A 377 5.76 9.19 4.66
N SER A 378 5.01 10.30 4.75
CA SER A 378 4.08 10.74 3.71
C SER A 378 4.79 11.28 2.46
N LEU A 379 5.98 11.88 2.64
CA LEU A 379 6.80 12.38 1.52
C LEU A 379 7.55 11.24 0.82
N TYR A 380 7.82 10.16 1.55
CA TYR A 380 8.90 9.23 1.22
C TYR A 380 8.68 8.55 -0.15
N LEU A 381 7.45 8.13 -0.46
CA LEU A 381 7.15 7.44 -1.73
C LEU A 381 6.68 8.43 -2.81
N GLY A 382 6.63 9.73 -2.48
CA GLY A 382 6.34 10.77 -3.47
C GLY A 382 4.85 11.00 -3.70
N ALA A 383 3.99 10.54 -2.79
CA ALA A 383 2.53 10.65 -2.93
C ALA A 383 2.02 12.03 -2.48
N HIS A 384 2.77 12.69 -1.59
CA HIS A 384 2.39 14.01 -1.12
C HIS A 384 3.52 14.99 -1.44
N ARG A 385 3.14 16.19 -1.86
CA ARG A 385 4.05 17.29 -2.13
C ARG A 385 4.43 17.97 -0.81
N ALA A 386 5.71 18.30 -0.66
CA ALA A 386 6.22 19.04 0.48
C ALA A 386 5.51 20.41 0.60
N SER A 387 5.34 21.09 -0.54
CA SER A 387 4.56 22.36 -0.64
C SER A 387 3.23 22.26 0.12
N THR A 388 2.52 21.15 -0.09
CA THR A 388 1.17 20.96 0.41
C THR A 388 1.20 20.80 1.94
N LEU A 389 2.14 20.00 2.44
CA LEU A 389 2.29 19.78 3.86
C LEU A 389 2.77 21.06 4.54
N ALA A 390 3.62 21.83 3.85
CA ALA A 390 4.09 23.13 4.33
C ALA A 390 2.92 24.12 4.49
N ALA A 391 1.99 24.12 3.54
CA ALA A 391 0.83 24.99 3.58
C ALA A 391 -0.03 24.69 4.81
N ALA A 392 -0.01 23.44 5.29
CA ALA A 392 -0.73 23.01 6.50
C ALA A 392 0.12 23.18 7.76
N ASN A 393 1.39 23.56 7.55
CA ASN A 393 2.39 23.79 8.58
C ASN A 393 2.81 22.47 9.28
N ARG A 394 2.67 21.33 8.58
CA ARG A 394 3.18 20.05 9.06
C ARG A 394 4.68 19.95 8.77
N LEU A 395 5.15 20.86 7.93
CA LEU A 395 6.52 20.95 7.43
C LEU A 395 6.95 22.42 7.44
N ARG A 396 7.96 22.76 8.26
CA ARG A 396 8.38 24.14 8.48
C ARG A 396 9.71 24.41 7.76
N THR A 397 9.76 25.56 7.08
CA THR A 397 10.99 26.14 6.56
C THR A 397 10.73 27.60 6.21
N LYS A 398 11.75 28.45 6.36
CA LYS A 398 11.64 29.89 6.09
C LYS A 398 12.07 30.19 4.64
N ASP A 399 12.47 29.15 3.91
CA ASP A 399 12.97 29.28 2.54
C ASP A 399 12.10 28.46 1.56
N SER A 400 11.45 29.15 0.62
CA SER A 400 10.48 28.53 -0.29
C SER A 400 11.18 27.91 -1.51
N GLN A 401 12.42 28.35 -1.79
CA GLN A 401 13.24 27.72 -2.84
C GLN A 401 13.58 26.27 -2.45
N LEU A 402 13.80 26.04 -1.15
CA LEU A 402 14.10 24.72 -0.62
C LEU A 402 12.88 23.79 -0.75
N LEU A 403 11.70 24.35 -0.51
CA LEU A 403 10.42 23.67 -0.68
C LEU A 403 10.28 23.13 -2.11
N ARG A 404 10.50 24.01 -3.10
CA ARG A 404 10.38 23.63 -4.50
C ARG A 404 11.36 22.48 -4.79
N ARG A 405 12.58 22.60 -4.24
CA ARG A 405 13.65 21.64 -4.43
C ARG A 405 13.30 20.27 -3.81
N LEU A 406 12.72 20.28 -2.61
CA LEU A 406 12.27 19.04 -1.96
C LEU A 406 11.13 18.39 -2.78
N ASP A 407 10.15 19.21 -3.13
CA ASP A 407 9.04 18.82 -4.01
C ASP A 407 9.55 18.00 -5.19
N ALA A 408 10.49 18.59 -5.95
CA ALA A 408 10.96 18.00 -7.19
C ALA A 408 11.82 16.75 -6.92
N ALA A 409 12.66 16.82 -5.88
CA ALA A 409 13.60 15.75 -5.57
C ALA A 409 12.86 14.49 -5.11
N PHE A 410 11.85 14.67 -4.24
CA PHE A 410 11.14 13.54 -3.60
C PHE A 410 10.07 12.96 -4.54
N ALA A 411 9.71 13.69 -5.60
CA ALA A 411 8.74 13.22 -6.59
C ALA A 411 9.27 11.94 -7.23
N SER A 412 8.33 11.04 -7.58
CA SER A 412 8.60 9.77 -8.23
C SER A 412 8.15 9.85 -9.69
N ASP A 413 9.00 9.42 -10.63
CA ASP A 413 8.64 9.48 -12.04
C ASP A 413 7.64 8.34 -12.34
N VAL A 414 7.81 7.18 -11.72
CA VAL A 414 6.82 6.11 -11.77
C VAL A 414 5.78 6.42 -10.69
N PRO A 415 4.47 6.51 -11.04
CA PRO A 415 3.44 6.83 -10.06
C PRO A 415 3.35 5.78 -8.95
N VAL A 416 3.16 6.26 -7.71
CA VAL A 416 3.12 5.39 -6.55
C VAL A 416 1.74 4.72 -6.49
N GLN A 417 1.74 3.42 -6.19
CA GLN A 417 0.57 2.57 -6.19
C GLN A 417 0.52 1.79 -4.86
N THR A 418 -0.60 1.09 -4.62
CA THR A 418 -0.80 0.29 -3.42
C THR A 418 -0.93 -1.19 -3.83
N ALA A 419 -0.11 -2.03 -3.21
CA ALA A 419 0.07 -3.42 -3.65
C ALA A 419 -1.11 -4.28 -3.19
N PHE A 420 -1.30 -4.40 -1.87
CA PHE A 420 -2.40 -5.16 -1.31
C PHE A 420 -2.52 -4.82 0.18
N GLU A 421 -3.73 -4.98 0.72
CA GLU A 421 -3.97 -4.77 2.13
C GLU A 421 -3.36 -5.93 2.90
N PHE A 422 -2.80 -5.59 4.07
CA PHE A 422 -2.28 -6.56 5.02
C PHE A 422 -2.67 -6.06 6.41
O01 NRS B . -7.10 -11.45 10.39
S02 NRS B . -7.18 -10.60 9.20
C03 NRS B . -7.38 -8.89 9.72
C04 NRS B . -8.51 -8.16 9.35
C05 NRS B . -8.57 -6.84 9.82
C06 NRS B . -7.52 -6.30 10.61
N07 NRS B . -7.58 -4.90 11.10
C08 NRS B . -8.70 -4.11 10.78
C09 NRS B . -9.82 -4.67 9.95
N10 NRS B . -9.76 -6.02 9.47
O11 NRS B . -10.76 -4.03 9.66
O12 NRS B . -8.74 -3.00 11.18
C13 NRS B . -6.39 -7.05 10.95
C14 NRS B . -6.32 -8.36 10.50
N15 NRS B . -5.77 -10.55 8.23
C16 NRS B . -4.46 -10.92 8.79
C17 NRS B . -4.35 -12.08 9.57
C18 NRS B . -3.10 -12.47 10.14
C19 NRS B . -3.02 -13.67 10.94
C20 NRS B . -1.81 -14.07 11.49
C21 NRS B . -0.66 -13.28 11.26
C22 NRS B . -0.73 -12.12 10.49
C23 NRS B . -1.98 -11.70 9.92
C24 NRS B . -2.06 -10.50 9.12
C25 NRS B . -3.30 -10.12 8.57
C26 NRS B . -5.88 -10.12 6.84
O27 NRS B . -8.40 -11.10 8.57
C1 GOL C . 5.06 3.82 19.69
O1 GOL C . 4.55 3.96 21.04
C2 GOL C . 6.13 4.85 19.30
O2 GOL C . 7.42 4.40 19.76
C3 GOL C . 5.84 6.26 19.84
O3 GOL C . 5.81 7.28 18.82
C1 GOL D . 13.68 -11.86 13.79
O1 GOL D . 13.01 -11.98 15.05
C2 GOL D . 13.78 -10.41 13.34
O2 GOL D . 15.11 -10.16 12.86
C3 GOL D . 12.76 -10.07 12.25
O3 GOL D . 12.95 -10.76 10.99
C1 PEG E . -3.02 0.20 -13.34
O1 PEG E . -1.76 0.86 -13.31
C2 PEG E . -3.66 0.28 -11.96
O2 PEG E . -4.59 -0.76 -11.68
C3 PEG E . -4.73 -0.95 -10.26
C4 PEG E . -5.86 -1.90 -9.87
O4 PEG E . -5.52 -2.88 -8.88
S SO4 F . 12.78 8.39 -9.26
O1 SO4 F . 13.96 7.49 -9.19
O2 SO4 F . 11.53 7.62 -9.12
O3 SO4 F . 12.76 9.08 -10.58
O4 SO4 F . 12.84 9.40 -8.18
S SO4 G . -3.42 0.68 -7.06
O1 SO4 G . -2.73 -0.52 -7.64
O2 SO4 G . -4.59 0.29 -6.23
O3 SO4 G . -3.79 1.51 -8.20
O4 SO4 G . -2.53 1.56 -6.26
S SO4 H . 4.82 -16.43 15.23
O1 SO4 H . 3.76 -17.46 15.37
O2 SO4 H . 5.74 -16.43 16.41
O3 SO4 H . 5.61 -16.70 14.01
O4 SO4 H . 4.15 -15.12 15.17
S DMS I . 12.69 26.29 10.11
O DMS I . 11.82 26.89 11.15
C1 DMS I . 13.88 27.40 9.59
C2 DMS I . 13.66 25.08 10.79
S DMS J . -6.26 -3.05 -2.76
O DMS J . -6.60 -3.11 -4.19
C1 DMS J . -4.88 -2.09 -2.52
C2 DMS J . -7.45 -2.13 -1.96
S DMS K . 12.13 4.39 17.73
O DMS K . 11.95 4.40 16.24
C1 DMS K . 11.06 5.50 18.47
C2 DMS K . 11.58 2.93 18.41
C1 GOL L . 0.95 13.81 7.73
O1 GOL L . 1.82 12.85 7.10
C2 GOL L . -0.25 14.13 6.85
O2 GOL L . -1.16 13.02 6.85
C3 GOL L . -0.99 15.39 7.32
O3 GOL L . -1.10 15.58 8.75
N NH4 M . 10.58 5.16 -9.40
#